data_7CCM
#
_entry.id   7CCM
#
_cell.length_a   116.156
_cell.length_b   116.156
_cell.length_c   27.679
_cell.angle_alpha   90.000
_cell.angle_beta   90.000
_cell.angle_gamma   120.000
#
_symmetry.space_group_name_H-M   'P 32'
#
loop_
_entity.id
_entity.type
_entity.pdbx_description
1 polymer 'Bcl-2-like protein 15'
2 water water
#
_entity_poly.entity_id   1
_entity_poly.type   'polypeptide(L)'
_entity_poly.pdbx_seq_one_letter_code
;(MSE)GSSHHHHHHSSGLVPRGSH(MSE)KSSQTFEEQTECIVNTLL(MSE)DFLSPTLQVASRNLCCVDEVDSGEPCSF
DVAIIAGRLR(MSE)LGDQFNGELEASAKNVIAETIKGQTGAILQDTVESLSKTWCAQDSSLAYERAFLAVSVKLLEY
(MSE)AHIAPEVVGQVAIP(MSE)TG(MSE)INGNQAIREFIQGQGGWENLES
;
_entity_poly.pdbx_strand_id   A,B,C
#
# COMPACT_ATOMS: atom_id res chain seq x y z
N THR A 26 17.97 7.95 -17.93
CA THR A 26 17.18 6.81 -18.57
C THR A 26 15.67 7.17 -18.58
N PHE A 27 15.14 7.65 -17.44
CA PHE A 27 13.72 8.11 -17.29
C PHE A 27 13.44 9.22 -18.32
N GLU A 28 14.39 10.14 -18.47
CA GLU A 28 14.31 11.28 -19.43
C GLU A 28 14.26 10.74 -20.87
N GLU A 29 15.08 9.72 -21.17
CA GLU A 29 15.15 9.05 -22.51
C GLU A 29 13.85 8.27 -22.75
N GLN A 30 13.35 7.58 -21.71
CA GLN A 30 12.07 6.79 -21.74
C GLN A 30 10.90 7.72 -22.06
N THR A 31 10.87 8.92 -21.50
CA THR A 31 9.84 9.98 -21.75
C THR A 31 9.88 10.38 -23.25
N GLU A 32 11.08 10.55 -23.81
CA GLU A 32 11.31 10.99 -25.21
C GLU A 32 10.73 9.92 -26.17
N CYS A 33 11.10 8.66 -25.97
CA CYS A 33 10.64 7.47 -26.76
C CYS A 33 9.10 7.39 -26.74
N ILE A 34 8.50 7.49 -25.55
CA ILE A 34 7.02 7.36 -25.32
C ILE A 34 6.28 8.45 -26.12
N VAL A 35 6.70 9.70 -25.99
CA VAL A 35 6.10 10.87 -26.69
C VAL A 35 6.27 10.67 -28.22
N ASN A 36 7.45 10.19 -28.66
CA ASN A 36 7.75 9.88 -30.09
C ASN A 36 6.78 8.80 -30.58
N THR A 37 6.71 7.68 -29.85
CA THR A 37 5.82 6.52 -30.15
C THR A 37 4.38 6.99 -30.29
N LEU A 38 3.86 7.71 -29.29
CA LEU A 38 2.46 8.27 -29.28
C LEU A 38 2.23 9.09 -30.56
N LEU A 39 3.14 9.98 -30.88
CA LEU A 39 3.06 10.91 -32.03
C LEU A 39 3.14 10.11 -33.35
N MSE A 40 4.14 9.23 -33.45
CA MSE A 40 4.33 8.39 -34.63
C MSE A 40 3.05 7.57 -34.93
O MSE A 40 2.67 7.41 -36.08
CB MSE A 40 5.55 7.46 -34.45
CG MSE A 40 6.91 8.12 -34.73
SE MSE A 40 8.46 6.83 -34.65
CE MSE A 40 8.30 6.10 -32.83
N ASP A 41 2.40 7.07 -33.85
CA ASP A 41 1.19 6.25 -33.97
C ASP A 41 0.03 7.10 -34.50
N PHE A 42 -0.14 8.32 -33.98
CA PHE A 42 -1.24 9.26 -34.37
C PHE A 42 -1.13 9.62 -35.86
N LEU A 43 0.09 9.89 -36.34
CA LEU A 43 0.35 10.44 -37.71
C LEU A 43 0.46 9.31 -38.74
N SER A 44 1.08 8.18 -38.38
CA SER A 44 1.39 7.04 -39.30
C SER A 44 0.95 5.72 -38.68
N PRO A 45 -0.35 5.31 -38.82
CA PRO A 45 -0.78 3.98 -38.40
C PRO A 45 -0.04 2.82 -39.13
N THR A 46 0.44 3.08 -40.35
CA THR A 46 1.28 2.13 -41.15
C THR A 46 2.56 1.81 -40.38
N LEU A 47 3.21 2.84 -39.82
CA LEU A 47 4.48 2.71 -39.04
C LEU A 47 4.25 1.92 -37.75
N GLN A 48 3.12 2.18 -37.07
CA GLN A 48 2.69 1.47 -35.82
C GLN A 48 2.68 -0.05 -36.09
N VAL A 49 1.97 -0.47 -37.14
CA VAL A 49 1.81 -1.90 -37.55
C VAL A 49 3.17 -2.44 -38.04
N ALA A 50 3.82 -1.72 -38.96
CA ALA A 50 5.03 -2.16 -39.72
C ALA A 50 6.23 -2.37 -38.76
N SER A 51 6.39 -1.50 -37.76
CA SER A 51 7.53 -1.54 -36.77
C SER A 51 7.49 -2.83 -35.94
N PHE A 68 11.85 -2.79 -21.67
CA PHE A 68 11.13 -1.51 -21.88
C PHE A 68 10.37 -1.54 -23.22
N ASP A 69 9.08 -1.89 -23.18
CA ASP A 69 8.19 -2.03 -24.38
C ASP A 69 7.30 -0.78 -24.49
N VAL A 70 7.72 0.19 -25.32
CA VAL A 70 7.02 1.51 -25.54
C VAL A 70 5.58 1.25 -26.03
N ALA A 71 5.39 0.24 -26.90
CA ALA A 71 4.08 -0.09 -27.54
C ALA A 71 2.99 -0.30 -26.48
N ILE A 72 3.32 -1.04 -25.41
CA ILE A 72 2.37 -1.37 -24.29
C ILE A 72 2.11 -0.10 -23.46
N ILE A 73 3.16 0.68 -23.21
CA ILE A 73 3.11 1.93 -22.40
C ILE A 73 2.26 2.95 -23.16
N ALA A 74 2.59 3.19 -24.42
CA ALA A 74 1.84 4.08 -25.36
C ALA A 74 0.34 3.74 -25.31
N GLY A 75 -0.01 2.46 -25.44
CA GLY A 75 -1.40 1.94 -25.38
C GLY A 75 -2.10 2.35 -24.10
N ARG A 76 -1.44 2.15 -22.94
CA ARG A 76 -1.98 2.46 -21.58
C ARG A 76 -2.18 3.98 -21.40
N LEU A 77 -1.26 4.80 -21.94
CA LEU A 77 -1.34 6.30 -21.91
C LEU A 77 -2.53 6.75 -22.76
N ARG A 78 -2.72 6.15 -23.93
CA ARG A 78 -3.86 6.43 -24.86
C ARG A 78 -5.19 6.05 -24.17
N MSE A 79 -5.20 4.91 -23.46
CA MSE A 79 -6.37 4.47 -22.71
C MSE A 79 -6.70 5.49 -21.61
O MSE A 79 -7.87 5.82 -21.40
CB MSE A 79 -6.10 3.09 -22.09
CG MSE A 79 -7.29 2.48 -21.35
SE MSE A 79 -6.89 0.65 -20.71
CE MSE A 79 -5.33 1.01 -19.55
N LEU A 80 -5.66 5.98 -20.92
CA LEU A 80 -5.82 6.97 -19.89
C LEU A 80 -6.27 8.32 -20.51
N GLY A 81 -5.68 8.68 -21.65
CA GLY A 81 -6.01 9.92 -22.40
C GLY A 81 -7.47 9.98 -22.81
N ASP A 82 -8.06 8.85 -23.17
CA ASP A 82 -9.45 8.73 -23.70
C ASP A 82 -10.48 8.94 -22.55
N GLN A 83 -10.01 9.01 -21.29
CA GLN A 83 -10.88 9.24 -20.08
C GLN A 83 -11.25 10.73 -19.97
N PHE A 84 -10.51 11.62 -20.64
CA PHE A 84 -10.79 13.08 -20.70
C PHE A 84 -11.81 13.37 -21.81
N ASN A 85 -12.90 14.08 -21.45
CA ASN A 85 -14.03 14.42 -22.39
C ASN A 85 -14.27 15.94 -22.39
N GLY A 86 -13.36 16.73 -21.82
CA GLY A 86 -13.46 18.22 -21.78
C GLY A 86 -13.19 18.83 -23.14
N GLU A 87 -13.59 20.09 -23.32
CA GLU A 87 -13.37 20.87 -24.58
C GLU A 87 -11.86 21.15 -24.75
N LEU A 88 -11.30 20.77 -25.91
CA LEU A 88 -9.85 20.91 -26.23
C LEU A 88 -9.63 21.90 -27.42
N GLU A 89 -10.71 22.28 -28.14
CA GLU A 89 -10.61 23.13 -29.37
C GLU A 89 -9.92 24.46 -29.02
N ALA A 90 -10.41 25.16 -27.99
CA ALA A 90 -9.87 26.46 -27.50
C ALA A 90 -8.43 26.27 -26.99
N SER A 91 -8.18 25.15 -26.30
CA SER A 91 -6.86 24.78 -25.69
C SER A 91 -5.83 24.48 -26.80
N ALA A 92 -6.12 23.51 -27.66
CA ALA A 92 -5.24 23.03 -28.77
C ALA A 92 -4.78 24.20 -29.65
N LYS A 93 -5.74 25.03 -30.10
CA LYS A 93 -5.50 26.19 -31.03
C LYS A 93 -4.45 27.13 -30.41
N ASN A 94 -4.63 27.51 -29.13
CA ASN A 94 -3.72 28.43 -28.37
C ASN A 94 -2.31 27.84 -28.29
N VAL A 95 -2.21 26.55 -27.94
CA VAL A 95 -0.91 25.82 -27.79
C VAL A 95 -0.20 25.81 -29.15
N ILE A 96 -0.91 25.44 -30.22
CA ILE A 96 -0.38 25.38 -31.63
C ILE A 96 0.15 26.77 -32.03
N ALA A 97 -0.67 27.81 -31.84
CA ALA A 97 -0.35 29.23 -32.20
C ALA A 97 1.02 29.62 -31.62
N GLU A 98 1.19 29.43 -30.32
CA GLU A 98 2.42 29.82 -29.57
C GLU A 98 3.59 28.91 -29.97
N THR A 99 3.31 27.65 -30.35
CA THR A 99 4.33 26.65 -30.81
C THR A 99 4.98 27.13 -32.09
N ILE A 100 4.16 27.61 -33.04
CA ILE A 100 4.63 28.23 -34.33
C ILE A 100 5.55 29.40 -33.97
N LYS A 101 5.09 30.27 -33.06
CA LYS A 101 5.79 31.53 -32.63
C LYS A 101 7.09 31.19 -31.86
N GLY A 102 7.21 29.96 -31.35
CA GLY A 102 8.42 29.46 -30.62
C GLY A 102 8.34 29.76 -29.14
N GLN A 103 7.12 29.77 -28.57
CA GLN A 103 6.85 30.01 -27.13
C GLN A 103 5.92 28.90 -26.60
N THR A 104 6.25 27.64 -26.91
CA THR A 104 5.45 26.42 -26.54
C THR A 104 5.49 26.23 -25.02
N GLY A 105 6.70 26.29 -24.44
CA GLY A 105 6.97 26.06 -23.00
C GLY A 105 5.89 26.63 -22.09
N ALA A 106 5.74 27.97 -22.11
CA ALA A 106 4.84 28.75 -21.21
C ALA A 106 3.40 28.21 -21.29
N ILE A 107 2.76 28.32 -22.45
CA ILE A 107 1.29 28.07 -22.66
C ILE A 107 0.98 26.57 -22.45
N LEU A 108 1.88 25.68 -22.86
CA LEU A 108 1.66 24.20 -22.89
C LEU A 108 1.38 23.68 -21.46
N GLN A 109 2.27 24.00 -20.51
CA GLN A 109 2.12 23.56 -19.08
C GLN A 109 0.92 24.25 -18.44
N ASP A 110 0.74 25.55 -18.68
CA ASP A 110 -0.38 26.37 -18.14
C ASP A 110 -1.72 25.80 -18.66
N THR A 111 -1.77 25.37 -19.92
CA THR A 111 -2.98 24.78 -20.57
C THR A 111 -3.31 23.42 -19.91
N VAL A 112 -2.32 22.54 -19.80
CA VAL A 112 -2.47 21.16 -19.21
C VAL A 112 -2.86 21.31 -17.73
N GLU A 113 -2.15 22.16 -16.97
CA GLU A 113 -2.40 22.43 -15.52
C GLU A 113 -3.85 22.92 -15.32
N SER A 114 -4.31 23.86 -16.16
CA SER A 114 -5.67 24.46 -16.13
C SER A 114 -6.74 23.37 -16.33
N LEU A 115 -6.61 22.59 -17.40
CA LEU A 115 -7.58 21.50 -17.78
C LEU A 115 -7.55 20.37 -16.73
N SER A 116 -6.39 20.12 -16.13
CA SER A 116 -6.15 19.05 -15.10
C SER A 116 -6.81 19.46 -13.77
N LYS A 117 -6.62 20.71 -13.35
CA LYS A 117 -7.25 21.30 -12.12
C LYS A 117 -8.79 21.29 -12.28
N THR A 118 -9.29 21.75 -13.43
CA THR A 118 -10.75 21.78 -13.79
C THR A 118 -11.34 20.36 -13.65
N TRP A 119 -10.63 19.35 -14.13
CA TRP A 119 -11.07 17.92 -14.15
C TRP A 119 -11.03 17.34 -12.71
N CYS A 120 -9.98 17.66 -11.95
CA CYS A 120 -9.78 17.20 -10.54
C CYS A 120 -10.84 17.82 -9.61
N ALA A 121 -11.28 19.04 -9.93
CA ALA A 121 -12.34 19.79 -9.19
C ALA A 121 -13.70 19.09 -9.34
N GLN A 122 -13.96 18.50 -10.51
CA GLN A 122 -15.25 17.79 -10.86
C GLN A 122 -15.10 16.26 -10.68
N ASP A 123 -13.87 15.78 -10.38
CA ASP A 123 -13.56 14.34 -10.13
C ASP A 123 -12.61 14.25 -8.92
N SER A 124 -13.18 14.03 -7.72
CA SER A 124 -12.45 13.93 -6.41
C SER A 124 -11.56 12.69 -6.39
N SER A 125 -11.95 11.62 -7.10
CA SER A 125 -11.25 10.31 -7.17
C SER A 125 -9.92 10.44 -7.92
N LEU A 126 -9.84 11.37 -8.88
CA LEU A 126 -8.70 11.50 -9.85
C LEU A 126 -7.54 12.28 -9.21
N ALA A 127 -6.36 11.68 -9.19
CA ALA A 127 -5.09 12.31 -8.77
C ALA A 127 -4.66 13.34 -9.83
N TYR A 128 -4.10 14.47 -9.39
CA TYR A 128 -3.66 15.60 -10.25
C TYR A 128 -2.56 15.14 -11.22
N GLU A 129 -1.63 14.33 -10.73
CA GLU A 129 -0.44 13.86 -11.48
C GLU A 129 -0.89 12.94 -12.64
N ARG A 130 -1.91 12.12 -12.40
CA ARG A 130 -2.47 11.18 -13.40
C ARG A 130 -3.32 11.97 -14.43
N ALA A 131 -4.04 13.01 -13.95
CA ALA A 131 -4.87 13.92 -14.79
C ALA A 131 -3.98 14.68 -15.77
N PHE A 132 -2.82 15.13 -15.30
CA PHE A 132 -1.82 15.89 -16.07
C PHE A 132 -1.37 15.07 -17.30
N LEU A 133 -0.99 13.81 -17.08
CA LEU A 133 -0.52 12.87 -18.15
C LEU A 133 -1.65 12.63 -19.14
N ALA A 134 -2.84 12.29 -18.63
CA ALA A 134 -4.07 12.03 -19.43
C ALA A 134 -4.30 13.18 -20.41
N VAL A 135 -4.41 14.41 -19.89
CA VAL A 135 -4.69 15.64 -20.69
C VAL A 135 -3.58 15.84 -21.75
N SER A 136 -2.31 15.62 -21.37
CA SER A 136 -1.11 15.76 -22.25
C SER A 136 -1.25 14.86 -23.48
N VAL A 137 -1.68 13.61 -23.27
CA VAL A 137 -1.81 12.56 -24.32
C VAL A 137 -3.00 12.88 -25.23
N LYS A 138 -4.13 13.28 -24.64
CA LYS A 138 -5.39 13.59 -25.37
C LYS A 138 -5.20 14.90 -26.16
N LEU A 139 -4.48 15.87 -25.59
CA LEU A 139 -4.17 17.16 -26.25
C LEU A 139 -3.23 16.90 -27.44
N LEU A 140 -2.23 16.03 -27.26
CA LEU A 140 -1.29 15.59 -28.33
C LEU A 140 -2.08 14.89 -29.44
N GLU A 141 -3.07 14.06 -29.08
CA GLU A 141 -3.94 13.31 -30.03
C GLU A 141 -4.72 14.32 -30.88
N TYR A 142 -5.47 15.21 -30.22
CA TYR A 142 -6.34 16.23 -30.88
C TYR A 142 -5.51 17.12 -31.81
N MSE A 143 -4.34 17.56 -31.32
CA MSE A 143 -3.46 18.47 -32.06
C MSE A 143 -2.92 17.79 -33.33
O MSE A 143 -2.67 18.46 -34.33
CB MSE A 143 -2.32 18.96 -31.17
CG MSE A 143 -2.71 20.08 -30.23
SE MSE A 143 -1.20 20.79 -29.19
CE MSE A 143 -0.46 19.13 -28.45
N ALA A 144 -2.72 16.46 -33.28
CA ALA A 144 -2.26 15.70 -34.44
C ALA A 144 -3.36 15.67 -35.52
N HIS A 145 -4.61 15.43 -35.12
CA HIS A 145 -5.82 15.36 -36.00
C HIS A 145 -6.13 16.75 -36.59
N ILE A 146 -6.02 17.80 -35.76
CA ILE A 146 -6.43 19.20 -36.07
C ILE A 146 -5.31 19.91 -36.87
N ALA A 147 -4.04 19.57 -36.58
CA ALA A 147 -2.85 20.26 -37.14
C ALA A 147 -1.68 19.27 -37.30
N PRO A 148 -1.78 18.28 -38.21
CA PRO A 148 -0.70 17.28 -38.39
C PRO A 148 0.60 17.88 -38.94
N GLU A 149 0.52 19.04 -39.61
CA GLU A 149 1.67 19.71 -40.28
C GLU A 149 2.66 20.28 -39.23
N VAL A 150 2.14 20.75 -38.08
CA VAL A 150 2.95 21.54 -37.06
C VAL A 150 2.99 20.80 -35.68
N VAL A 151 2.18 19.75 -35.48
CA VAL A 151 2.03 19.04 -34.16
C VAL A 151 3.41 18.54 -33.67
N GLY A 152 4.30 18.14 -34.60
CA GLY A 152 5.63 17.58 -34.31
C GLY A 152 6.51 18.55 -33.52
N GLN A 153 6.29 19.85 -33.67
CA GLN A 153 7.06 20.92 -32.98
C GLN A 153 6.64 21.01 -31.50
N VAL A 154 5.59 20.25 -31.09
CA VAL A 154 5.09 20.19 -29.67
C VAL A 154 5.76 18.99 -28.94
N ALA A 155 6.29 18.01 -29.68
CA ALA A 155 6.92 16.78 -29.14
C ALA A 155 7.99 17.13 -28.09
N ILE A 156 9.01 17.88 -28.49
CA ILE A 156 10.18 18.28 -27.64
C ILE A 156 9.68 19.06 -26.40
N PRO A 157 8.90 20.18 -26.58
CA PRO A 157 8.31 20.89 -25.43
C PRO A 157 7.58 20.01 -24.40
N MSE A 158 6.77 19.06 -24.89
CA MSE A 158 5.98 18.18 -24.01
C MSE A 158 6.91 17.21 -23.27
O MSE A 158 6.67 16.90 -22.11
CB MSE A 158 4.91 17.41 -24.80
CG MSE A 158 3.96 16.61 -23.93
SE MSE A 158 2.56 15.75 -24.95
CE MSE A 158 1.44 17.36 -25.31
N THR A 159 7.95 16.71 -23.98
CA THR A 159 8.95 15.86 -23.36
C THR A 159 9.67 16.64 -22.24
N GLY A 160 10.10 17.87 -22.53
CA GLY A 160 10.78 18.77 -21.56
C GLY A 160 9.89 19.10 -20.37
N MSE A 161 8.58 19.28 -20.65
CA MSE A 161 7.61 19.61 -19.61
C MSE A 161 7.51 18.46 -18.61
O MSE A 161 7.63 18.68 -17.42
CB MSE A 161 6.25 19.90 -20.24
CG MSE A 161 5.18 20.31 -19.26
SE MSE A 161 3.42 20.40 -20.07
CE MSE A 161 3.28 18.68 -20.98
N ILE A 162 7.27 17.24 -19.12
CA ILE A 162 7.06 16.07 -18.28
C ILE A 162 8.36 15.78 -17.48
N ASN A 163 9.51 15.76 -18.17
CA ASN A 163 10.86 15.51 -17.57
C ASN A 163 11.17 16.60 -16.53
N GLY A 164 10.83 17.85 -16.85
CA GLY A 164 11.14 19.04 -16.03
C GLY A 164 10.23 19.17 -14.82
N ASN A 165 9.04 18.56 -14.85
CA ASN A 165 8.01 18.63 -13.76
C ASN A 165 8.33 17.55 -12.71
N GLN A 166 8.53 17.97 -11.46
CA GLN A 166 8.96 17.07 -10.33
C GLN A 166 7.75 16.29 -9.80
N ALA A 167 6.60 16.95 -9.65
CA ALA A 167 5.35 16.34 -9.17
C ALA A 167 5.00 15.13 -10.06
N ILE A 168 5.05 15.31 -11.37
CA ILE A 168 4.66 14.28 -12.39
C ILE A 168 5.73 13.18 -12.43
N ARG A 169 7.01 13.55 -12.42
CA ARG A 169 8.16 12.59 -12.46
C ARG A 169 8.12 11.68 -11.22
N GLU A 170 7.91 12.26 -10.03
CA GLU A 170 7.87 11.53 -8.71
C GLU A 170 6.68 10.57 -8.69
N PHE A 171 5.54 10.99 -9.22
CA PHE A 171 4.30 10.17 -9.30
C PHE A 171 4.54 8.93 -10.19
N ILE A 172 5.13 9.12 -11.37
CA ILE A 172 5.39 8.04 -12.39
C ILE A 172 6.36 7.01 -11.79
N GLN A 173 7.47 7.47 -11.21
CA GLN A 173 8.52 6.60 -10.59
C GLN A 173 7.97 5.93 -9.32
N GLY A 174 7.08 6.63 -8.60
CA GLY A 174 6.38 6.10 -7.39
C GLY A 174 5.41 4.98 -7.74
N GLN A 175 4.96 4.91 -9.01
CA GLN A 175 4.07 3.85 -9.56
C GLN A 175 4.92 2.72 -10.22
N GLY A 176 6.24 2.74 -10.00
CA GLY A 176 7.20 1.74 -10.54
C GLY A 176 7.83 2.20 -11.86
N GLY A 177 7.66 3.46 -12.23
CA GLY A 177 8.17 4.06 -13.48
C GLY A 177 7.23 3.83 -14.65
N TRP A 178 7.59 4.36 -15.82
CA TRP A 178 6.81 4.24 -17.10
C TRP A 178 6.37 2.80 -17.35
N GLU A 179 7.26 1.84 -17.05
CA GLU A 179 7.09 0.37 -17.31
C GLU A 179 5.79 -0.15 -16.64
N ASN A 180 5.50 0.32 -15.41
CA ASN A 180 4.39 -0.20 -14.54
C ASN A 180 3.19 0.77 -14.50
N LEU A 181 3.36 2.01 -14.98
CA LEU A 181 2.27 3.05 -15.01
C LEU A 181 1.06 2.48 -15.77
N GLU A 182 -0.07 2.29 -15.06
CA GLU A 182 -1.33 1.70 -15.61
C GLU A 182 -1.06 0.26 -16.06
N GLN B 25 9.61 -7.66 21.47
CA GLN B 25 8.91 -6.53 22.20
C GLN B 25 9.55 -5.19 21.83
N THR B 26 10.83 -4.98 22.22
CA THR B 26 11.60 -3.72 22.00
C THR B 26 11.99 -3.62 20.53
N PHE B 27 12.08 -2.41 20.00
CA PHE B 27 12.43 -2.10 18.58
C PHE B 27 13.77 -2.77 18.20
N GLU B 28 14.75 -2.72 19.11
CA GLU B 28 16.14 -3.21 18.89
C GLU B 28 16.14 -4.74 18.74
N GLU B 29 15.34 -5.43 19.56
CA GLU B 29 15.15 -6.92 19.49
C GLU B 29 14.42 -7.30 18.20
N GLN B 30 13.40 -6.51 17.80
CA GLN B 30 12.62 -6.69 16.55
C GLN B 30 13.57 -6.68 15.34
N THR B 31 14.44 -5.67 15.25
CA THR B 31 15.47 -5.52 14.17
C THR B 31 16.31 -6.80 14.07
N GLU B 32 16.81 -7.28 15.22
CA GLU B 32 17.69 -8.47 15.33
C GLU B 32 16.96 -9.70 14.75
N CYS B 33 15.69 -9.91 15.14
CA CYS B 33 14.82 -11.04 14.68
C CYS B 33 14.67 -11.00 13.16
N ILE B 34 14.41 -9.83 12.59
CA ILE B 34 14.22 -9.59 11.12
C ILE B 34 15.50 -10.00 10.38
N VAL B 35 16.65 -9.46 10.80
CA VAL B 35 17.98 -9.73 10.16
C VAL B 35 18.30 -11.22 10.28
N ASN B 36 18.07 -11.81 11.47
CA ASN B 36 18.30 -13.26 11.74
C ASN B 36 17.42 -14.09 10.79
N THR B 37 16.13 -13.75 10.72
CA THR B 37 15.10 -14.42 9.86
C THR B 37 15.52 -14.33 8.39
N LEU B 38 15.98 -13.16 7.94
CA LEU B 38 16.40 -12.90 6.52
C LEU B 38 17.58 -13.83 6.16
N LEU B 39 18.59 -13.89 7.02
CA LEU B 39 19.82 -14.75 6.83
C LEU B 39 19.45 -16.22 6.80
N MSE B 40 18.65 -16.65 7.78
CA MSE B 40 18.27 -18.05 7.91
C MSE B 40 17.51 -18.51 6.66
O MSE B 40 17.74 -19.60 6.16
CB MSE B 40 17.42 -18.25 9.17
CG MSE B 40 18.24 -18.18 10.48
SE MSE B 40 17.16 -18.61 12.10
CE MSE B 40 15.52 -17.58 11.75
N ASP B 41 16.62 -17.64 6.15
CA ASP B 41 15.83 -17.92 4.96
C ASP B 41 16.75 -18.03 3.73
N PHE B 42 17.77 -17.16 3.64
CA PHE B 42 18.71 -17.08 2.47
C PHE B 42 19.67 -18.31 2.47
N LEU B 43 20.01 -18.86 3.65
CA LEU B 43 21.03 -19.95 3.82
C LEU B 43 20.34 -21.32 3.93
N SER B 44 19.19 -21.39 4.59
CA SER B 44 18.43 -22.65 4.84
C SER B 44 16.96 -22.47 4.45
N PRO B 45 16.58 -22.72 3.16
CA PRO B 45 15.18 -22.73 2.77
C PRO B 45 14.36 -23.81 3.51
N THR B 46 15.03 -24.86 4.03
CA THR B 46 14.41 -25.93 4.87
C THR B 46 13.86 -25.32 6.17
N LEU B 47 14.57 -24.36 6.77
CA LEU B 47 14.15 -23.65 8.03
C LEU B 47 12.88 -22.85 7.78
N GLN B 48 12.76 -22.19 6.62
CA GLN B 48 11.55 -21.40 6.20
C GLN B 48 10.31 -22.28 6.34
N VAL B 49 10.36 -23.49 5.80
CA VAL B 49 9.21 -24.43 5.71
C VAL B 49 9.02 -25.09 7.09
N ALA B 50 10.08 -25.70 7.63
CA ALA B 50 10.09 -26.49 8.90
C ALA B 50 9.54 -25.63 10.06
N SER B 51 9.94 -24.35 10.12
CA SER B 51 9.49 -23.35 11.13
C SER B 51 8.39 -22.47 10.52
N GLY B 63 -4.58 -19.52 20.03
CA GLY B 63 -5.11 -19.17 18.69
C GLY B 63 -5.43 -17.67 18.55
N GLU B 64 -4.52 -16.81 19.01
CA GLU B 64 -4.68 -15.32 19.06
C GLU B 64 -4.05 -14.70 17.82
N PRO B 65 -4.38 -13.42 17.47
CA PRO B 65 -3.68 -12.70 16.41
C PRO B 65 -2.24 -12.36 16.80
N CYS B 66 -1.27 -12.77 15.97
CA CYS B 66 0.19 -12.51 16.14
C CYS B 66 0.49 -11.05 15.73
N SER B 67 0.72 -10.18 16.71
CA SER B 67 1.02 -8.73 16.55
C SER B 67 2.28 -8.54 15.68
N PHE B 68 3.36 -9.26 16.02
CA PHE B 68 4.68 -9.19 15.33
C PHE B 68 4.99 -10.56 14.67
N ASP B 69 4.73 -10.67 13.36
CA ASP B 69 5.03 -11.88 12.52
C ASP B 69 6.28 -11.57 11.68
N VAL B 70 7.45 -12.10 12.09
CA VAL B 70 8.79 -11.80 11.47
C VAL B 70 8.82 -12.33 10.02
N ALA B 71 8.20 -13.48 9.77
CA ALA B 71 8.09 -14.14 8.44
C ALA B 71 7.47 -13.16 7.42
N ILE B 72 6.43 -12.45 7.83
CA ILE B 72 5.64 -11.49 6.96
C ILE B 72 6.47 -10.23 6.71
N ILE B 73 7.13 -9.70 7.76
CA ILE B 73 7.96 -8.44 7.72
C ILE B 73 9.17 -8.68 6.81
N ALA B 74 9.84 -9.82 6.99
CA ALA B 74 11.02 -10.26 6.18
C ALA B 74 10.64 -10.27 4.69
N GLY B 75 9.48 -10.85 4.36
CA GLY B 75 8.93 -10.94 2.98
C GLY B 75 8.73 -9.56 2.36
N ARG B 76 8.18 -8.61 3.13
CA ARG B 76 7.96 -7.19 2.70
C ARG B 76 9.30 -6.52 2.39
N LEU B 77 10.32 -6.80 3.19
CA LEU B 77 11.70 -6.23 3.03
C LEU B 77 12.40 -6.88 1.80
N ARG B 78 12.12 -8.17 1.53
CA ARG B 78 12.61 -8.89 0.32
C ARG B 78 11.98 -8.26 -0.94
N MSE B 79 10.67 -8.02 -0.88
CA MSE B 79 9.94 -7.38 -1.98
C MSE B 79 10.51 -5.97 -2.23
O MSE B 79 10.72 -5.58 -3.37
CB MSE B 79 8.44 -7.29 -1.64
CG MSE B 79 7.62 -6.41 -2.56
SE MSE B 79 5.76 -7.03 -2.68
CE MSE B 79 5.09 -6.51 -0.90
N LEU B 80 10.75 -5.23 -1.14
CA LEU B 80 11.35 -3.90 -1.21
C LEU B 80 12.77 -4.00 -1.81
N GLY B 81 13.59 -4.93 -1.31
CA GLY B 81 14.98 -5.16 -1.74
C GLY B 81 15.08 -5.47 -3.24
N ASP B 82 14.17 -6.30 -3.76
CA ASP B 82 14.16 -6.78 -5.20
C ASP B 82 14.01 -5.57 -6.16
N GLN B 83 13.44 -4.46 -5.68
CA GLN B 83 13.25 -3.20 -6.48
C GLN B 83 14.61 -2.66 -6.96
N PHE B 84 15.68 -2.90 -6.17
CA PHE B 84 17.07 -2.46 -6.49
C PHE B 84 17.63 -3.33 -7.62
N ASN B 85 17.93 -2.71 -8.78
CA ASN B 85 18.47 -3.38 -10.00
C ASN B 85 19.98 -3.13 -10.14
N GLY B 86 20.55 -2.19 -9.35
CA GLY B 86 21.97 -1.76 -9.42
C GLY B 86 22.95 -2.93 -9.19
N GLU B 87 24.22 -2.71 -9.51
CA GLU B 87 25.33 -3.72 -9.37
C GLU B 87 25.82 -3.74 -7.91
N LEU B 88 25.92 -4.93 -7.31
CA LEU B 88 26.44 -5.14 -5.91
C LEU B 88 27.73 -5.99 -5.94
N GLU B 89 28.16 -6.46 -7.13
CA GLU B 89 29.32 -7.38 -7.33
C GLU B 89 30.54 -6.82 -6.57
N ALA B 90 30.99 -5.63 -6.94
CA ALA B 90 32.17 -4.92 -6.36
C ALA B 90 31.87 -4.52 -4.90
N SER B 91 30.65 -4.04 -4.63
CA SER B 91 30.19 -3.54 -3.30
C SER B 91 30.21 -4.68 -2.26
N ALA B 92 29.59 -5.80 -2.58
CA ALA B 92 29.41 -6.98 -1.68
C ALA B 92 30.78 -7.59 -1.32
N LYS B 93 31.72 -7.62 -2.28
CA LYS B 93 33.07 -8.26 -2.13
C LYS B 93 33.95 -7.40 -1.20
N ASN B 94 33.84 -6.06 -1.32
CA ASN B 94 34.57 -5.07 -0.48
C ASN B 94 34.11 -5.22 0.98
N VAL B 95 32.80 -5.36 1.21
CA VAL B 95 32.19 -5.51 2.57
C VAL B 95 32.70 -6.82 3.21
N ILE B 96 32.61 -7.94 2.49
CA ILE B 96 33.05 -9.30 2.95
C ILE B 96 34.54 -9.25 3.31
N ALA B 97 35.37 -8.70 2.40
CA ALA B 97 36.83 -8.52 2.57
C ALA B 97 37.11 -7.82 3.90
N GLU B 98 36.40 -6.72 4.13
CA GLU B 98 36.56 -5.87 5.34
C GLU B 98 35.95 -6.58 6.57
N THR B 99 34.89 -7.37 6.36
CA THR B 99 34.18 -8.15 7.43
C THR B 99 35.15 -9.19 8.01
N ILE B 100 35.76 -10.01 7.16
CA ILE B 100 36.77 -11.05 7.54
C ILE B 100 37.84 -10.39 8.44
N LYS B 101 38.40 -9.27 7.99
CA LYS B 101 39.49 -8.49 8.68
C LYS B 101 38.98 -7.98 10.05
N GLY B 102 37.67 -7.79 10.20
CA GLY B 102 37.01 -7.41 11.47
C GLY B 102 36.76 -5.90 11.56
N GLN B 103 36.50 -5.25 10.42
CA GLN B 103 36.21 -3.79 10.31
C GLN B 103 34.94 -3.58 9.48
N THR B 104 33.88 -4.35 9.76
CA THR B 104 32.60 -4.37 9.00
C THR B 104 31.91 -3.01 9.11
N GLY B 105 31.74 -2.50 10.35
CA GLY B 105 30.98 -1.26 10.67
C GLY B 105 31.33 -0.10 9.76
N ALA B 106 32.62 0.10 9.47
CA ALA B 106 33.15 1.20 8.63
C ALA B 106 32.55 1.13 7.22
N ILE B 107 32.89 0.08 6.45
CA ILE B 107 32.61 -0.02 4.98
C ILE B 107 31.11 -0.30 4.73
N LEU B 108 30.44 -1.02 5.63
CA LEU B 108 29.02 -1.48 5.45
C LEU B 108 28.12 -0.26 5.26
N GLN B 109 28.10 0.65 6.23
CA GLN B 109 27.24 1.87 6.22
C GLN B 109 27.60 2.75 5.01
N ASP B 110 28.89 2.95 4.76
CA ASP B 110 29.42 3.79 3.64
C ASP B 110 28.96 3.21 2.30
N THR B 111 29.06 1.88 2.15
CA THR B 111 28.61 1.11 0.94
C THR B 111 27.09 1.27 0.75
N VAL B 112 26.31 1.05 1.82
CA VAL B 112 24.81 1.14 1.81
C VAL B 112 24.39 2.59 1.53
N GLU B 113 25.03 3.57 2.20
CA GLU B 113 24.79 5.04 1.99
C GLU B 113 25.05 5.39 0.52
N SER B 114 26.24 5.02 0.01
CA SER B 114 26.73 5.31 -1.38
C SER B 114 25.75 4.76 -2.42
N LEU B 115 25.33 3.51 -2.27
CA LEU B 115 24.39 2.81 -3.20
C LEU B 115 23.01 3.47 -3.12
N SER B 116 22.57 3.85 -1.92
CA SER B 116 21.23 4.49 -1.63
C SER B 116 21.15 5.88 -2.29
N LYS B 117 22.20 6.70 -2.13
CA LYS B 117 22.26 8.10 -2.66
C LYS B 117 22.22 8.06 -4.20
N THR B 118 22.97 7.15 -4.83
CA THR B 118 23.04 6.99 -6.32
C THR B 118 21.70 6.46 -6.85
N TRP B 119 20.96 5.70 -6.03
CA TRP B 119 19.61 5.14 -6.37
C TRP B 119 18.54 6.21 -6.23
N CYS B 120 18.61 7.02 -5.17
CA CYS B 120 17.69 8.17 -4.92
C CYS B 120 17.88 9.24 -6.02
N ALA B 121 19.10 9.38 -6.54
CA ALA B 121 19.48 10.33 -7.63
C ALA B 121 18.73 9.96 -8.93
N GLN B 122 18.52 8.67 -9.18
CA GLN B 122 17.81 8.14 -10.39
C GLN B 122 16.29 8.09 -10.13
N ASP B 123 15.88 7.73 -8.92
CA ASP B 123 14.45 7.57 -8.49
C ASP B 123 14.10 8.68 -7.49
N SER B 124 13.49 9.77 -7.97
CA SER B 124 13.17 11.01 -7.18
C SER B 124 11.96 10.77 -6.24
N SER B 125 11.21 9.70 -6.44
CA SER B 125 10.03 9.28 -5.61
C SER B 125 10.50 8.51 -4.37
N LEU B 126 11.69 7.89 -4.44
CA LEU B 126 12.22 6.97 -3.39
C LEU B 126 12.85 7.80 -2.26
N ALA B 127 12.38 7.57 -1.03
CA ALA B 127 12.94 8.17 0.21
C ALA B 127 14.26 7.47 0.55
N TYR B 128 15.26 8.25 0.95
CA TYR B 128 16.64 7.77 1.29
C TYR B 128 16.57 6.58 2.28
N GLU B 129 15.74 6.70 3.31
CA GLU B 129 15.63 5.69 4.42
C GLU B 129 15.02 4.40 3.88
N ARG B 130 14.16 4.48 2.89
CA ARG B 130 13.55 3.31 2.21
C ARG B 130 14.62 2.63 1.34
N ALA B 131 15.39 3.43 0.59
CA ALA B 131 16.53 2.98 -0.25
C ALA B 131 17.57 2.27 0.61
N PHE B 132 17.86 2.83 1.79
CA PHE B 132 18.85 2.31 2.77
C PHE B 132 18.46 0.88 3.19
N LEU B 133 17.21 0.70 3.61
CA LEU B 133 16.67 -0.60 4.07
C LEU B 133 16.65 -1.60 2.92
N ALA B 134 16.23 -1.15 1.74
CA ALA B 134 16.13 -1.96 0.49
C ALA B 134 17.52 -2.50 0.10
N VAL B 135 18.54 -1.62 0.03
CA VAL B 135 19.95 -1.97 -0.36
C VAL B 135 20.52 -2.95 0.69
N SER B 136 20.35 -2.65 1.98
CA SER B 136 20.81 -3.49 3.13
C SER B 136 20.34 -4.95 2.93
N VAL B 137 19.04 -5.14 2.63
CA VAL B 137 18.38 -6.47 2.47
C VAL B 137 18.93 -7.15 1.21
N LYS B 138 19.05 -6.40 0.11
CA LYS B 138 19.48 -6.91 -1.23
C LYS B 138 20.98 -7.28 -1.19
N LEU B 139 21.78 -6.51 -0.46
CA LEU B 139 23.25 -6.74 -0.30
C LEU B 139 23.48 -7.98 0.56
N LEU B 140 22.70 -8.16 1.64
CA LEU B 140 22.75 -9.35 2.54
C LEU B 140 22.38 -10.60 1.76
N GLU B 141 21.34 -10.50 0.89
CA GLU B 141 20.88 -11.60 0.01
C GLU B 141 22.02 -12.01 -0.94
N TYR B 142 22.62 -11.03 -1.60
CA TYR B 142 23.70 -11.24 -2.60
C TYR B 142 24.95 -11.81 -1.91
N MSE B 143 25.25 -11.32 -0.70
CA MSE B 143 26.43 -11.77 0.05
C MSE B 143 26.24 -13.21 0.56
O MSE B 143 27.19 -13.93 0.74
CB MSE B 143 26.71 -10.81 1.22
CG MSE B 143 27.47 -9.56 0.82
SE MSE B 143 27.94 -8.43 2.36
CE MSE B 143 26.16 -8.14 3.15
N ALA B 144 24.97 -13.61 0.78
CA ALA B 144 24.65 -14.94 1.25
C ALA B 144 24.85 -15.98 0.13
N HIS B 145 24.66 -15.56 -1.13
CA HIS B 145 24.72 -16.44 -2.33
C HIS B 145 26.17 -16.63 -2.81
N ILE B 146 27.03 -15.60 -2.66
CA ILE B 146 28.44 -15.58 -3.22
C ILE B 146 29.47 -15.82 -2.09
N ALA B 147 29.06 -15.75 -0.82
CA ALA B 147 29.96 -15.94 0.37
C ALA B 147 29.16 -16.46 1.56
N PRO B 148 28.47 -17.63 1.44
CA PRO B 148 27.67 -18.19 2.55
C PRO B 148 28.51 -18.58 3.79
N GLU B 149 29.81 -18.79 3.60
CA GLU B 149 30.75 -19.25 4.66
C GLU B 149 30.99 -18.13 5.69
N VAL B 150 30.87 -16.85 5.29
CA VAL B 150 31.26 -15.66 6.14
C VAL B 150 30.08 -14.65 6.28
N VAL B 151 29.03 -14.75 5.45
CA VAL B 151 27.89 -13.76 5.39
C VAL B 151 27.30 -13.55 6.80
N GLY B 152 27.27 -14.62 7.62
CA GLY B 152 26.74 -14.60 9.00
C GLY B 152 27.37 -13.52 9.87
N GLN B 153 28.65 -13.21 9.64
CA GLN B 153 29.45 -12.23 10.44
C GLN B 153 28.97 -10.77 10.20
N VAL B 154 28.16 -10.55 9.14
CA VAL B 154 27.62 -9.21 8.74
C VAL B 154 26.29 -8.94 9.49
N ALA B 155 25.63 -10.00 9.99
CA ALA B 155 24.30 -9.95 10.69
C ALA B 155 24.30 -8.90 11.82
N ILE B 156 25.22 -9.03 12.76
CA ILE B 156 25.33 -8.16 13.98
C ILE B 156 25.70 -6.72 13.57
N PRO B 157 26.78 -6.51 12.75
CA PRO B 157 27.07 -5.19 12.17
C PRO B 157 25.84 -4.50 11.53
N MSE B 158 25.05 -5.28 10.76
CA MSE B 158 23.88 -4.74 10.06
C MSE B 158 22.78 -4.37 11.06
O MSE B 158 22.09 -3.37 10.88
CB MSE B 158 23.34 -5.76 9.05
CG MSE B 158 22.02 -5.34 8.39
SE MSE B 158 21.68 -6.29 6.70
CE MSE B 158 23.32 -5.87 5.67
N THR B 159 22.60 -5.20 12.10
CA THR B 159 21.59 -4.97 13.13
C THR B 159 21.93 -3.69 13.91
N GLY B 160 23.19 -3.55 14.33
CA GLY B 160 23.71 -2.35 15.03
C GLY B 160 23.66 -1.10 14.16
N MSE B 161 23.86 -1.28 12.85
CA MSE B 161 23.84 -0.18 11.90
C MSE B 161 22.43 0.40 11.79
O MSE B 161 22.27 1.61 11.77
CB MSE B 161 24.32 -0.64 10.52
CG MSE B 161 24.40 0.46 9.49
SE MSE B 161 24.67 -0.25 7.70
CE MSE B 161 23.12 -1.44 7.48
N ILE B 162 21.41 -0.47 11.69
CA ILE B 162 20.02 -0.03 11.54
C ILE B 162 19.54 0.59 12.86
N ASN B 163 19.79 -0.09 13.99
CA ASN B 163 19.34 0.34 15.35
C ASN B 163 20.07 1.65 15.76
N GLY B 164 21.31 1.83 15.32
CA GLY B 164 22.15 3.01 15.64
C GLY B 164 21.81 4.21 14.76
N ASN B 165 21.21 3.98 13.58
CA ASN B 165 20.86 5.04 12.58
C ASN B 165 19.52 5.67 12.99
N GLN B 166 19.55 6.95 13.43
CA GLN B 166 18.37 7.69 13.95
C GLN B 166 17.42 8.03 12.80
N ALA B 167 17.95 8.38 11.63
CA ALA B 167 17.17 8.71 10.40
C ALA B 167 16.30 7.51 10.01
N ILE B 168 16.90 6.32 9.95
CA ILE B 168 16.22 5.03 9.58
C ILE B 168 15.22 4.68 10.69
N ARG B 169 15.64 4.83 11.94
CA ARG B 169 14.82 4.53 13.14
C ARG B 169 13.57 5.42 13.14
N GLU B 170 13.75 6.73 12.98
CA GLU B 170 12.65 7.74 12.95
C GLU B 170 11.70 7.48 11.75
N PHE B 171 12.26 7.04 10.61
CA PHE B 171 11.49 6.71 9.36
C PHE B 171 10.54 5.54 9.62
N ILE B 172 11.07 4.42 10.16
CA ILE B 172 10.31 3.15 10.44
C ILE B 172 9.18 3.46 11.44
N GLN B 173 9.49 4.22 12.49
CA GLN B 173 8.51 4.69 13.53
C GLN B 173 7.42 5.56 12.86
N GLY B 174 7.81 6.39 11.88
CA GLY B 174 6.90 7.24 11.09
C GLY B 174 5.97 6.43 10.18
N GLN B 175 6.32 5.17 9.89
CA GLN B 175 5.51 4.21 9.07
C GLN B 175 4.75 3.22 9.99
N GLY B 176 4.72 3.50 11.31
CA GLY B 176 3.98 2.69 12.33
C GLY B 176 4.76 1.44 12.74
N GLY B 177 6.06 1.60 13.00
CA GLY B 177 6.98 0.52 13.43
C GLY B 177 7.23 -0.53 12.34
N TRP B 178 7.97 -1.59 12.68
CA TRP B 178 8.29 -2.75 11.78
C TRP B 178 7.00 -3.42 11.31
N GLU B 179 5.97 -3.44 12.18
CA GLU B 179 4.69 -4.20 11.99
C GLU B 179 3.98 -3.73 10.71
N ASN B 180 4.04 -2.42 10.40
CA ASN B 180 3.26 -1.78 9.30
C ASN B 180 4.23 -1.14 8.28
N LEU B 181 5.45 -1.68 8.16
CA LEU B 181 6.47 -1.21 7.18
C LEU B 181 6.21 -1.88 5.82
N GLU B 182 5.46 -1.21 4.94
CA GLU B 182 5.08 -1.69 3.57
C GLU B 182 4.30 -3.01 3.70
N GLN C 25 -29.36 -15.06 31.03
CA GLN C 25 -28.53 -16.32 31.27
C GLN C 25 -28.45 -17.17 29.99
N THR C 26 -29.47 -17.10 29.11
CA THR C 26 -29.50 -17.77 27.78
C THR C 26 -28.39 -17.18 26.90
N PHE C 27 -27.72 -18.04 26.11
CA PHE C 27 -26.62 -17.66 25.17
C PHE C 27 -27.11 -16.57 24.20
N GLU C 28 -28.29 -16.80 23.59
CA GLU C 28 -28.95 -15.87 22.62
C GLU C 28 -29.14 -14.49 23.28
N GLU C 29 -29.66 -14.47 24.51
CA GLU C 29 -29.94 -13.22 25.29
C GLU C 29 -28.61 -12.52 25.62
N GLN C 30 -27.56 -13.29 25.94
CA GLN C 30 -26.18 -12.78 26.25
C GLN C 30 -25.60 -12.09 25.00
N THR C 31 -25.75 -12.72 23.82
CA THR C 31 -25.29 -12.18 22.51
C THR C 31 -25.97 -10.83 22.24
N GLU C 32 -27.28 -10.77 22.41
CA GLU C 32 -28.11 -9.53 22.20
C GLU C 32 -27.60 -8.43 23.14
N CYS C 33 -27.35 -8.77 24.39
CA CYS C 33 -26.89 -7.84 25.46
C CYS C 33 -25.51 -7.26 25.09
N ILE C 34 -24.61 -8.12 24.59
CA ILE C 34 -23.21 -7.77 24.16
C ILE C 34 -23.25 -6.78 22.97
N VAL C 35 -24.06 -7.07 21.95
CA VAL C 35 -24.19 -6.22 20.70
C VAL C 35 -24.82 -4.87 21.09
N ASN C 36 -25.87 -4.88 21.91
CA ASN C 36 -26.53 -3.64 22.45
C ASN C 36 -25.48 -2.78 23.15
N THR C 37 -24.70 -3.40 24.05
CA THR C 37 -23.64 -2.75 24.88
C THR C 37 -22.59 -2.13 23.94
N LEU C 38 -21.93 -2.95 23.12
CA LEU C 38 -20.90 -2.52 22.12
C LEU C 38 -21.41 -1.28 21.37
N LEU C 39 -22.64 -1.36 20.86
CA LEU C 39 -23.27 -0.31 20.02
C LEU C 39 -23.57 0.95 20.87
N MSE C 40 -24.10 0.72 22.09
CA MSE C 40 -24.37 1.81 23.04
C MSE C 40 -23.06 2.54 23.39
O MSE C 40 -23.04 3.75 23.55
CB MSE C 40 -25.06 1.27 24.30
CG MSE C 40 -26.57 1.02 24.13
SE MSE C 40 -27.46 0.36 25.82
CE MSE C 40 -26.26 -1.06 26.44
N ASP C 41 -21.97 1.76 23.53
CA ASP C 41 -20.66 2.30 23.89
C ASP C 41 -20.09 3.14 22.72
N PHE C 42 -20.28 2.70 21.47
CA PHE C 42 -19.75 3.37 20.24
C PHE C 42 -20.50 4.69 20.00
N LEU C 43 -21.82 4.71 20.23
CA LEU C 43 -22.71 5.87 19.90
C LEU C 43 -22.74 6.87 21.06
N SER C 44 -22.83 6.37 22.29
CA SER C 44 -22.97 7.19 23.54
C SER C 44 -21.84 6.85 24.50
N PRO C 45 -20.68 7.58 24.46
CA PRO C 45 -19.64 7.43 25.48
C PRO C 45 -20.12 7.81 26.90
N THR C 46 -21.11 8.71 27.01
CA THR C 46 -21.72 9.16 28.31
C THR C 46 -22.44 7.99 29.00
N LEU C 47 -23.21 7.20 28.23
CA LEU C 47 -24.01 6.04 28.75
C LEU C 47 -23.06 4.96 29.28
N GLN C 48 -21.87 4.83 28.67
CA GLN C 48 -20.78 3.90 29.10
C GLN C 48 -20.35 4.23 30.54
N VAL C 49 -20.16 5.52 30.82
CA VAL C 49 -19.64 6.06 32.11
C VAL C 49 -20.76 5.99 33.17
N ALA C 50 -21.94 6.54 32.84
CA ALA C 50 -23.12 6.66 33.75
C ALA C 50 -23.68 5.25 34.10
N SER C 51 -23.48 4.27 33.21
CA SER C 51 -23.89 2.85 33.40
C SER C 51 -23.03 1.93 32.51
N GLY C 63 -25.64 -5.81 46.19
CA GLY C 63 -24.23 -5.88 45.70
C GLY C 63 -23.78 -7.32 45.47
N GLU C 64 -24.58 -8.11 44.74
CA GLU C 64 -24.30 -9.53 44.43
C GLU C 64 -23.20 -9.62 43.39
N PRO C 65 -22.46 -10.77 43.30
CA PRO C 65 -21.49 -10.97 42.22
C PRO C 65 -22.20 -11.12 40.87
N CYS C 66 -21.78 -10.34 39.87
CA CYS C 66 -22.34 -10.35 38.49
C CYS C 66 -21.52 -11.33 37.62
N SER C 67 -22.00 -12.58 37.55
CA SER C 67 -21.38 -13.69 36.75
C SER C 67 -21.21 -13.25 35.28
N PHE C 68 -22.28 -12.73 34.67
CA PHE C 68 -22.29 -12.17 33.29
C PHE C 68 -22.09 -10.64 33.37
N ASP C 69 -20.81 -10.22 33.43
CA ASP C 69 -20.39 -8.80 33.40
C ASP C 69 -20.20 -8.39 31.93
N VAL C 70 -21.21 -7.75 31.34
CA VAL C 70 -21.29 -7.42 29.88
C VAL C 70 -20.22 -6.37 29.52
N ALA C 71 -19.94 -5.43 30.44
CA ALA C 71 -18.99 -4.29 30.25
C ALA C 71 -17.58 -4.84 29.97
N ILE C 72 -17.15 -5.83 30.74
CA ILE C 72 -15.81 -6.48 30.64
C ILE C 72 -15.74 -7.23 29.32
N ILE C 73 -16.72 -8.10 29.07
CA ILE C 73 -16.84 -8.94 27.82
C ILE C 73 -16.77 -8.00 26.59
N ALA C 74 -17.51 -6.88 26.63
CA ALA C 74 -17.55 -5.84 25.57
C ALA C 74 -16.16 -5.24 25.39
N GLY C 75 -15.48 -4.92 26.49
CA GLY C 75 -14.10 -4.41 26.50
C GLY C 75 -13.12 -5.41 25.91
N ARG C 76 -13.22 -6.68 26.31
CA ARG C 76 -12.38 -7.80 25.79
C ARG C 76 -12.54 -7.92 24.28
N LEU C 77 -13.80 -7.84 23.79
CA LEU C 77 -14.16 -7.99 22.35
C LEU C 77 -13.61 -6.80 21.54
N ARG C 78 -13.64 -5.59 22.10
CA ARG C 78 -13.09 -4.35 21.45
C ARG C 78 -11.57 -4.49 21.31
N MSE C 79 -10.91 -4.98 22.38
CA MSE C 79 -9.48 -5.25 22.36
C MSE C 79 -9.16 -6.21 21.21
O MSE C 79 -8.26 -5.95 20.42
CB MSE C 79 -9.05 -5.86 23.71
CG MSE C 79 -7.53 -6.07 23.89
SE MSE C 79 -7.13 -6.80 25.72
CE MSE C 79 -5.21 -7.20 25.60
N LEU C 80 -9.93 -7.30 21.13
CA LEU C 80 -9.76 -8.29 20.07
C LEU C 80 -10.06 -7.66 18.70
N GLY C 81 -11.15 -6.89 18.61
CA GLY C 81 -11.57 -6.18 17.39
C GLY C 81 -10.51 -5.21 16.89
N ASP C 82 -9.84 -4.48 17.81
CA ASP C 82 -8.79 -3.45 17.49
C ASP C 82 -7.58 -4.10 16.77
N GLN C 83 -7.41 -5.43 16.90
CA GLN C 83 -6.27 -6.19 16.29
C GLN C 83 -6.40 -6.22 14.74
N PHE C 84 -7.61 -6.05 14.21
CA PHE C 84 -7.90 -6.07 12.74
C PHE C 84 -7.32 -4.81 12.09
N ASN C 85 -6.52 -4.99 11.02
CA ASN C 85 -5.82 -3.91 10.27
C ASN C 85 -6.15 -4.06 8.76
N GLY C 86 -7.42 -4.22 8.43
CA GLY C 86 -7.93 -4.32 7.04
C GLY C 86 -8.83 -3.16 6.69
N GLU C 87 -8.95 -2.86 5.40
CA GLU C 87 -9.81 -1.74 4.89
C GLU C 87 -11.27 -2.18 4.99
N LEU C 88 -12.09 -1.40 5.71
CA LEU C 88 -13.52 -1.72 6.01
C LEU C 88 -14.47 -0.79 5.25
N GLU C 89 -13.96 0.33 4.70
CA GLU C 89 -14.77 1.43 4.06
C GLU C 89 -15.76 0.82 3.05
N ALA C 90 -15.25 0.11 2.04
CA ALA C 90 -16.02 -0.54 0.96
C ALA C 90 -17.01 -1.55 1.56
N SER C 91 -16.54 -2.38 2.50
CA SER C 91 -17.34 -3.43 3.20
C SER C 91 -18.46 -2.79 4.03
N ALA C 92 -18.11 -1.86 4.92
CA ALA C 92 -19.03 -1.17 5.85
C ALA C 92 -20.16 -0.48 5.07
N LYS C 93 -19.79 0.28 4.03
CA LYS C 93 -20.74 1.06 3.18
C LYS C 93 -21.69 0.10 2.45
N ASN C 94 -21.15 -1.02 1.96
CA ASN C 94 -21.91 -2.05 1.20
C ASN C 94 -22.97 -2.70 2.11
N VAL C 95 -22.57 -3.03 3.35
CA VAL C 95 -23.47 -3.64 4.39
C VAL C 95 -24.60 -2.65 4.74
N ILE C 96 -24.27 -1.36 4.88
CA ILE C 96 -25.23 -0.26 5.23
C ILE C 96 -26.26 -0.11 4.10
N ALA C 97 -25.80 -0.17 2.84
CA ALA C 97 -26.64 -0.02 1.62
C ALA C 97 -27.78 -1.06 1.63
N GLU C 98 -27.44 -2.32 1.86
CA GLU C 98 -28.41 -3.46 1.85
C GLU C 98 -29.21 -3.48 3.17
N THR C 99 -28.66 -2.87 4.24
CA THR C 99 -29.33 -2.72 5.58
C THR C 99 -30.58 -1.87 5.43
N ILE C 100 -30.43 -0.66 4.88
CA ILE C 100 -31.54 0.32 4.63
C ILE C 100 -32.65 -0.40 3.88
N LYS C 101 -32.31 -1.07 2.78
CA LYS C 101 -33.24 -1.76 1.85
C LYS C 101 -33.93 -2.94 2.56
N GLY C 102 -33.25 -3.57 3.52
CA GLY C 102 -33.74 -4.72 4.31
C GLY C 102 -33.22 -6.05 3.77
N GLN C 103 -31.95 -6.06 3.32
CA GLN C 103 -31.24 -7.27 2.77
C GLN C 103 -29.87 -7.40 3.46
N THR C 104 -29.79 -7.01 4.73
CA THR C 104 -28.54 -6.98 5.56
C THR C 104 -28.10 -8.42 5.89
N GLY C 105 -29.05 -9.28 6.31
CA GLY C 105 -28.80 -10.66 6.79
C GLY C 105 -27.84 -11.41 5.88
N ALA C 106 -28.08 -11.36 4.57
CA ALA C 106 -27.31 -12.07 3.52
C ALA C 106 -25.84 -11.64 3.55
N ILE C 107 -25.56 -10.40 3.13
CA ILE C 107 -24.18 -9.92 2.75
C ILE C 107 -23.35 -9.61 4.01
N LEU C 108 -23.98 -9.42 5.17
CA LEU C 108 -23.28 -9.15 6.46
C LEU C 108 -22.34 -10.32 6.78
N GLN C 109 -22.88 -11.54 6.80
CA GLN C 109 -22.12 -12.79 7.12
C GLN C 109 -21.02 -12.99 6.07
N ASP C 110 -21.40 -12.94 4.79
CA ASP C 110 -20.47 -13.15 3.63
C ASP C 110 -19.33 -12.11 3.69
N THR C 111 -19.62 -10.86 4.06
CA THR C 111 -18.62 -9.76 4.26
C THR C 111 -17.64 -10.17 5.39
N VAL C 112 -18.18 -10.57 6.56
CA VAL C 112 -17.38 -10.94 7.77
C VAL C 112 -16.53 -12.19 7.47
N GLU C 113 -17.11 -13.20 6.82
CA GLU C 113 -16.42 -14.48 6.45
C GLU C 113 -15.28 -14.19 5.46
N SER C 114 -15.55 -13.37 4.45
CA SER C 114 -14.58 -12.96 3.39
C SER C 114 -13.37 -12.26 4.04
N LEU C 115 -13.62 -11.29 4.93
CA LEU C 115 -12.56 -10.52 5.66
C LEU C 115 -11.82 -11.44 6.66
N SER C 116 -12.55 -12.37 7.30
CA SER C 116 -12.01 -13.32 8.34
C SER C 116 -11.05 -14.32 7.70
N LYS C 117 -11.43 -14.91 6.56
CA LYS C 117 -10.63 -15.97 5.88
C LYS C 117 -9.36 -15.34 5.25
N THR C 118 -9.44 -14.09 4.78
CA THR C 118 -8.29 -13.30 4.26
C THR C 118 -7.28 -13.04 5.37
N TRP C 119 -7.77 -12.72 6.57
CA TRP C 119 -6.95 -12.40 7.77
C TRP C 119 -6.25 -13.67 8.28
N CYS C 120 -6.97 -14.79 8.35
CA CYS C 120 -6.46 -16.13 8.80
C CYS C 120 -5.37 -16.63 7.85
N ALA C 121 -5.48 -16.31 6.56
CA ALA C 121 -4.49 -16.65 5.50
C ALA C 121 -3.18 -15.87 5.74
N GLN C 122 -3.29 -14.60 6.16
CA GLN C 122 -2.14 -13.71 6.48
C GLN C 122 -1.54 -14.11 7.83
N ASP C 123 -2.39 -14.26 8.85
CA ASP C 123 -2.02 -14.57 10.26
C ASP C 123 -2.30 -16.06 10.55
N SER C 124 -1.27 -16.91 10.45
CA SER C 124 -1.34 -18.40 10.61
C SER C 124 -1.74 -18.76 12.05
N SER C 125 -1.35 -17.93 13.01
CA SER C 125 -1.60 -18.14 14.47
C SER C 125 -3.10 -17.98 14.82
N LEU C 126 -3.86 -17.24 13.99
CA LEU C 126 -5.24 -16.75 14.33
C LEU C 126 -6.29 -17.85 14.03
N ALA C 127 -7.16 -18.13 15.01
CA ALA C 127 -8.32 -19.04 14.90
C ALA C 127 -9.46 -18.33 14.17
N TYR C 128 -10.09 -19.00 13.21
CA TYR C 128 -11.12 -18.43 12.29
C TYR C 128 -12.31 -17.86 13.08
N GLU C 129 -12.77 -18.60 14.10
CA GLU C 129 -13.95 -18.23 14.93
C GLU C 129 -13.62 -16.97 15.75
N ARG C 130 -12.36 -16.82 16.16
CA ARG C 130 -11.87 -15.65 16.94
C ARG C 130 -11.77 -14.43 16.01
N ALA C 131 -11.38 -14.64 14.75
CA ALA C 131 -11.26 -13.60 13.70
C ALA C 131 -12.65 -13.10 13.32
N PHE C 132 -13.59 -14.04 13.14
CA PHE C 132 -15.02 -13.78 12.80
C PHE C 132 -15.61 -12.76 13.79
N LEU C 133 -15.41 -13.00 15.10
CA LEU C 133 -15.90 -12.12 16.21
C LEU C 133 -15.21 -10.76 16.13
N ALA C 134 -13.90 -10.75 15.94
CA ALA C 134 -13.04 -9.53 15.88
C ALA C 134 -13.50 -8.62 14.74
N VAL C 135 -13.71 -9.18 13.55
CA VAL C 135 -14.13 -8.44 12.33
C VAL C 135 -15.55 -7.87 12.55
N SER C 136 -16.44 -8.64 13.19
CA SER C 136 -17.84 -8.24 13.52
C SER C 136 -17.85 -6.96 14.37
N VAL C 137 -17.02 -6.93 15.41
CA VAL C 137 -16.91 -5.81 16.39
C VAL C 137 -16.34 -4.56 15.69
N LYS C 138 -15.22 -4.71 14.96
CA LYS C 138 -14.51 -3.60 14.23
C LYS C 138 -15.42 -3.02 13.15
N LEU C 139 -16.19 -3.88 12.48
CA LEU C 139 -17.16 -3.50 11.41
C LEU C 139 -18.28 -2.68 12.05
N LEU C 140 -18.88 -3.18 13.14
CA LEU C 140 -19.93 -2.49 13.93
C LEU C 140 -19.38 -1.14 14.42
N GLU C 141 -18.15 -1.13 14.95
CA GLU C 141 -17.44 0.09 15.42
C GLU C 141 -17.34 1.10 14.29
N TYR C 142 -16.83 0.65 13.14
CA TYR C 142 -16.56 1.49 11.94
C TYR C 142 -17.87 2.00 11.34
N MSE C 143 -18.91 1.16 11.37
CA MSE C 143 -20.22 1.52 10.81
C MSE C 143 -20.90 2.56 11.72
O MSE C 143 -21.67 3.39 11.23
CB MSE C 143 -21.09 0.27 10.67
CG MSE C 143 -20.78 -0.54 9.44
SE MSE C 143 -22.02 -2.05 9.24
CE MSE C 143 -21.90 -2.92 10.98
N ALA C 144 -20.63 2.50 13.03
CA ALA C 144 -21.16 3.46 13.99
C ALA C 144 -20.55 4.85 13.73
N HIS C 145 -19.29 4.91 13.31
CA HIS C 145 -18.53 6.17 13.05
C HIS C 145 -19.03 6.83 11.76
N ILE C 146 -19.20 6.06 10.68
CA ILE C 146 -19.48 6.58 9.30
C ILE C 146 -21.01 6.74 9.08
N ALA C 147 -21.84 6.05 9.87
CA ALA C 147 -23.31 6.04 9.70
C ALA C 147 -24.01 5.79 11.06
N PRO C 148 -23.89 6.72 12.04
CA PRO C 148 -24.57 6.55 13.33
C PRO C 148 -26.11 6.63 13.27
N GLU C 149 -26.66 7.17 12.18
CA GLU C 149 -28.13 7.41 11.99
C GLU C 149 -28.86 6.09 11.64
N VAL C 150 -28.13 5.11 11.07
CA VAL C 150 -28.72 3.82 10.55
C VAL C 150 -27.96 2.58 11.10
N VAL C 151 -26.90 2.78 11.90
CA VAL C 151 -26.04 1.66 12.44
C VAL C 151 -26.89 0.74 13.33
N GLY C 152 -27.88 1.30 14.03
CA GLY C 152 -28.80 0.55 14.92
C GLY C 152 -29.50 -0.60 14.20
N GLN C 153 -29.68 -0.47 12.88
CA GLN C 153 -30.46 -1.41 12.03
C GLN C 153 -29.66 -2.72 11.78
N VAL C 154 -28.34 -2.75 12.07
CA VAL C 154 -27.46 -3.98 11.89
C VAL C 154 -27.25 -4.71 13.23
N ALA C 155 -27.80 -4.19 14.33
CA ALA C 155 -27.70 -4.79 15.69
C ALA C 155 -28.38 -6.16 15.70
N ILE C 156 -29.65 -6.20 15.31
CA ILE C 156 -30.51 -7.42 15.27
C ILE C 156 -29.91 -8.46 14.28
N PRO C 157 -29.65 -8.08 12.99
CA PRO C 157 -28.98 -8.99 12.05
C PRO C 157 -27.69 -9.62 12.56
N MSE C 158 -26.84 -8.80 13.22
CA MSE C 158 -25.55 -9.27 13.73
C MSE C 158 -25.78 -10.25 14.89
O MSE C 158 -25.03 -11.22 15.03
CB MSE C 158 -24.69 -8.09 14.20
CG MSE C 158 -23.37 -8.50 14.85
SE MSE C 158 -22.11 -7.01 14.98
CE MSE C 158 -21.87 -6.58 13.06
N THR C 159 -26.79 -9.96 15.73
CA THR C 159 -27.13 -10.84 16.86
C THR C 159 -27.52 -12.22 16.32
N GLY C 160 -28.44 -12.27 15.35
CA GLY C 160 -28.94 -13.51 14.71
C GLY C 160 -27.83 -14.25 13.96
N MSE C 161 -26.89 -13.48 13.38
CA MSE C 161 -25.76 -14.05 12.64
C MSE C 161 -24.87 -14.84 13.60
O MSE C 161 -24.45 -15.95 13.29
CB MSE C 161 -24.98 -12.94 11.94
CG MSE C 161 -23.90 -13.43 11.01
SE MSE C 161 -22.61 -12.00 10.56
CE MSE C 161 -21.95 -11.49 12.36
N ILE C 162 -24.56 -14.25 14.77
CA ILE C 162 -23.68 -14.86 15.75
C ILE C 162 -24.40 -16.08 16.40
N ASN C 163 -25.68 -15.91 16.78
CA ASN C 163 -26.51 -16.95 17.44
C ASN C 163 -26.76 -18.13 16.47
N GLY C 164 -27.05 -17.83 15.20
CA GLY C 164 -27.36 -18.83 14.16
C GLY C 164 -26.15 -19.68 13.78
N ASN C 165 -24.95 -19.08 13.78
CA ASN C 165 -23.67 -19.72 13.36
C ASN C 165 -23.24 -20.73 14.43
N GLN C 166 -23.24 -22.03 14.09
CA GLN C 166 -22.93 -23.15 15.02
C GLN C 166 -21.44 -23.13 15.37
N ALA C 167 -20.57 -22.91 14.37
CA ALA C 167 -19.09 -22.87 14.51
C ALA C 167 -18.68 -21.83 15.56
N ILE C 168 -19.29 -20.63 15.50
CA ILE C 168 -19.01 -19.48 16.44
C ILE C 168 -19.59 -19.81 17.82
N ARG C 169 -20.80 -20.36 17.86
CA ARG C 169 -21.51 -20.77 19.11
C ARG C 169 -20.68 -21.84 19.84
N GLU C 170 -20.16 -22.83 19.09
CA GLU C 170 -19.35 -23.98 19.64
C GLU C 170 -18.00 -23.49 20.17
N PHE C 171 -17.37 -22.55 19.47
CA PHE C 171 -16.05 -21.96 19.83
C PHE C 171 -16.18 -21.20 21.17
N ILE C 172 -17.18 -20.32 21.28
CA ILE C 172 -17.43 -19.44 22.49
C ILE C 172 -17.66 -20.34 23.71
N GLN C 173 -18.58 -21.30 23.60
CA GLN C 173 -18.95 -22.24 24.71
C GLN C 173 -17.78 -23.21 24.96
N GLY C 174 -17.03 -23.54 23.91
CA GLY C 174 -15.79 -24.36 23.99
C GLY C 174 -14.77 -23.73 24.94
N GLN C 175 -14.77 -22.39 25.05
CA GLN C 175 -13.83 -21.59 25.91
C GLN C 175 -14.52 -21.14 27.20
N GLY C 176 -15.56 -21.85 27.63
CA GLY C 176 -16.30 -21.56 28.88
C GLY C 176 -17.30 -20.42 28.73
N GLY C 177 -17.78 -20.18 27.50
CA GLY C 177 -18.87 -19.22 27.20
C GLY C 177 -18.37 -17.78 27.07
N TRP C 178 -19.30 -16.85 26.88
CA TRP C 178 -19.05 -15.39 26.73
C TRP C 178 -18.24 -14.85 27.91
N GLU C 179 -18.56 -15.31 29.13
CA GLU C 179 -18.00 -14.82 30.42
C GLU C 179 -16.46 -14.94 30.42
N ASN C 180 -15.93 -16.08 29.98
CA ASN C 180 -14.48 -16.45 30.09
C ASN C 180 -13.77 -16.26 28.73
N LEU C 181 -14.47 -15.73 27.72
CA LEU C 181 -13.92 -15.46 26.36
C LEU C 181 -12.91 -14.31 26.45
N GLU C 182 -11.61 -14.62 26.24
CA GLU C 182 -10.45 -13.65 26.32
C GLU C 182 -10.23 -13.25 27.80
#